data_7POW
#
_entry.id   7POW
#
_cell.length_a   107.350
_cell.length_b   61.220
_cell.length_c   79.310
_cell.angle_alpha   90.000
_cell.angle_beta   118.723
_cell.angle_gamma   90.000
#
_symmetry.space_group_name_H-M   'C 1 2 1'
#
loop_
_entity.id
_entity.type
_entity.pdbx_description
1 polymer 'CDP-diacylglycerol--serine O-phosphatidyltransferase'
2 non-polymer '(2S)-2-amino-3-[[[(2R,3S,4R,5R)-5-(4-amino-2-oxo-pyrimidin-1-yl)-3,4-dihydroxy-tetrahydrofuran-2-yl]methoxy-hydroxy-phosphoryl]oxy-[(2R)-2,3-bis[[(Z)-octadec-9-enoyl]oxy]propoxy]-dihydroxy-lambda^5-phosphanyl]oxy-propanoic acid'
3 non-polymer 'CALCIUM ION'
4 non-polymer 'MAGNESIUM ION'
5 non-polymer 'CHLORIDE ION'
6 non-polymer '(2R)-2,3-dihydroxypropyl (9Z)-octadec-9-enoate'
7 non-polymer "5'-O-[(R)-{[(S)-{(2R)-2,3-bis[(9E)-octadec-9-enoyloxy]propoxy}(hydroxy)phosphoryl]oxy}(hydroxy)phosphoryl]cytidine"
8 non-polymer SERINE
9 water water
#
_entity_poly.entity_id   1
_entity_poly.type   'polypeptide(L)'
_entity_poly.pdbx_seq_one_letter_code
;APH(MSE)FSIRKIITISDYVT(MSE)LNIITGLLAILLNSFSLIYLSIIFDSLDGYVARKTGTVSDFGAELDSISDVVS
FGVAPAYLLYNNFESNLALISAIIFCLCGALRLARFGILNVKGFIGLPIPAGALLLVGFCQLINSYLINSILAILIGLL
(MSE)ISDIKYPKYPNKIFIYIFAVSLCLAIVGIPHFAL(MSE)LCLIYAIYGIIKYIRGD
;
_entity_poly.pdbx_strand_id   A,B
#
# COMPACT_ATOMS: atom_id res chain seq x y z
N PHE A 5 4.22 -24.15 2.29
CA PHE A 5 4.19 -23.07 1.30
C PHE A 5 3.14 -23.35 0.23
N SER A 6 1.95 -23.76 0.66
CA SER A 6 0.83 -24.00 -0.26
C SER A 6 0.45 -22.77 -1.10
N ILE A 7 0.93 -21.57 -0.74
CA ILE A 7 0.60 -20.37 -1.51
C ILE A 7 1.09 -20.46 -2.95
N ARG A 8 2.20 -21.16 -3.18
CA ARG A 8 2.74 -21.25 -4.54
C ARG A 8 1.76 -21.92 -5.49
N LYS A 9 0.81 -22.70 -4.99
CA LYS A 9 -0.21 -23.31 -5.82
C LYS A 9 -1.22 -22.28 -6.32
N ILE A 10 -1.28 -21.12 -5.69
CA ILE A 10 -2.19 -20.06 -6.10
C ILE A 10 -1.57 -19.13 -7.13
N ILE A 11 -0.24 -18.95 -7.10
CA ILE A 11 0.43 -17.97 -7.94
C ILE A 11 0.27 -18.31 -9.41
N THR A 12 -0.19 -17.34 -10.20
CA THR A 12 -0.27 -17.41 -11.64
C THR A 12 0.90 -16.66 -12.29
N ILE A 13 1.05 -16.84 -13.60
CA ILE A 13 2.07 -16.07 -14.30
C ILE A 13 1.69 -14.60 -14.40
N SER A 14 0.40 -14.28 -14.29
CA SER A 14 0.05 -12.86 -14.22
C SER A 14 0.38 -12.29 -12.85
N ASP A 15 0.31 -13.11 -11.79
CA ASP A 15 0.74 -12.64 -10.48
C ASP A 15 2.19 -12.20 -10.49
N TYR A 16 3.03 -12.87 -11.27
CA TYR A 16 4.43 -12.46 -11.37
C TYR A 16 4.55 -11.07 -11.96
N VAL A 17 3.69 -10.74 -12.91
CA VAL A 17 3.66 -9.39 -13.45
C VAL A 17 3.30 -8.40 -12.36
N THR A 18 2.22 -8.71 -11.63
CA THR A 18 1.79 -7.88 -10.51
C THR A 18 2.92 -7.63 -9.54
N LEU A 20 6.24 -7.71 -10.25
CA LEU A 20 7.11 -6.71 -10.87
C LEU A 20 6.56 -5.30 -10.67
N ASN A 21 5.24 -5.16 -10.77
CA ASN A 21 4.59 -3.88 -10.49
C ASN A 21 4.89 -3.43 -9.06
N ILE A 22 4.67 -4.32 -8.09
CA ILE A 22 4.97 -3.97 -6.68
C ILE A 22 6.44 -3.60 -6.52
N ILE A 23 7.33 -4.37 -7.14
CA ILE A 23 8.77 -4.10 -7.04
C ILE A 23 9.10 -2.71 -7.59
N THR A 24 8.60 -2.39 -8.79
CA THR A 24 8.94 -1.08 -9.34
C THR A 24 8.33 0.02 -8.48
N GLY A 25 7.10 -0.20 -8.00
CA GLY A 25 6.45 0.81 -7.19
C GLY A 25 7.13 1.00 -5.85
N LEU A 26 7.67 -0.08 -5.28
CA LEU A 26 8.44 0.05 -4.06
C LEU A 26 9.78 0.73 -4.33
N LEU A 27 10.45 0.35 -5.44
CA LEU A 27 11.73 0.97 -5.77
C LEU A 27 11.58 2.43 -6.15
N ALA A 28 10.37 2.85 -6.58
CA ALA A 28 10.12 4.27 -6.76
C ALA A 28 10.30 5.02 -5.44
N ILE A 29 9.85 4.43 -4.34
CA ILE A 29 10.10 5.01 -3.01
C ILE A 29 11.57 4.83 -2.62
N LEU A 30 12.07 3.59 -2.64
CA LEU A 30 13.40 3.31 -2.06
C LEU A 30 14.51 4.03 -2.80
N LEU A 31 14.42 4.10 -4.14
CA LEU A 31 15.44 4.77 -4.94
C LEU A 31 15.07 6.21 -5.28
N ASN A 32 13.92 6.70 -4.80
CA ASN A 32 13.45 8.04 -5.12
C ASN A 32 13.42 8.28 -6.63
N SER A 33 12.63 7.48 -7.34
CA SER A 33 12.65 7.47 -8.81
C SER A 33 11.25 7.77 -9.38
N PHE A 34 11.10 8.95 -9.97
CA PHE A 34 9.87 9.25 -10.69
C PHE A 34 9.70 8.32 -11.87
N SER A 35 10.83 7.93 -12.49
CA SER A 35 10.77 7.17 -13.72
C SER A 35 10.19 5.78 -13.49
N LEU A 36 10.36 5.23 -12.28
CA LEU A 36 9.76 3.93 -11.95
C LEU A 36 8.25 4.02 -11.72
N ILE A 37 7.70 5.19 -11.39
CA ILE A 37 6.24 5.31 -11.36
C ILE A 37 5.66 5.05 -12.74
N TYR A 38 6.33 5.54 -13.79
CA TYR A 38 5.80 5.36 -15.13
C TYR A 38 5.92 3.92 -15.56
N LEU A 39 6.97 3.21 -15.13
CA LEU A 39 7.05 1.79 -15.43
C LEU A 39 5.96 1.02 -14.71
N SER A 40 5.60 1.46 -13.49
CA SER A 40 4.51 0.82 -12.75
C SER A 40 3.20 0.93 -13.51
N ILE A 41 2.92 2.11 -14.08
CA ILE A 41 1.71 2.28 -14.88
C ILE A 41 1.71 1.32 -16.05
N ILE A 42 2.88 1.09 -16.66
CA ILE A 42 2.92 0.17 -17.78
C ILE A 42 2.65 -1.25 -17.30
N PHE A 43 3.27 -1.63 -16.17
CA PHE A 43 3.05 -2.94 -15.57
C PHE A 43 1.63 -3.09 -15.07
N ASP A 44 1.04 -2.02 -14.52
CA ASP A 44 -0.34 -2.11 -14.06
C ASP A 44 -1.29 -2.38 -15.23
N SER A 45 -0.97 -1.86 -16.41
CA SER A 45 -1.77 -2.19 -17.58
C SER A 45 -1.43 -3.57 -18.15
N LEU A 46 -0.27 -4.13 -17.81
CA LEU A 46 0.15 -5.42 -18.37
C LEU A 46 -0.37 -6.63 -17.61
N ASP A 47 -0.59 -6.54 -16.28
CA ASP A 47 -0.84 -7.76 -15.51
C ASP A 47 -2.25 -8.28 -15.74
N GLY A 48 -3.25 -7.38 -15.80
CA GLY A 48 -4.59 -7.79 -16.14
C GLY A 48 -4.73 -8.23 -17.59
N TYR A 49 -3.97 -7.61 -18.48
CA TYR A 49 -3.96 -8.04 -19.87
C TYR A 49 -3.37 -9.44 -19.99
N VAL A 50 -2.23 -9.67 -19.34
CA VAL A 50 -1.63 -10.99 -19.37
C VAL A 50 -2.56 -11.99 -18.69
N ALA A 51 -3.25 -11.56 -17.63
CA ALA A 51 -4.20 -12.45 -16.95
C ALA A 51 -5.29 -12.94 -17.92
N ARG A 52 -5.96 -12.00 -18.60
CA ARG A 52 -7.03 -12.39 -19.52
C ARG A 52 -6.49 -13.13 -20.74
N LYS A 53 -5.32 -12.75 -21.22
CA LYS A 53 -4.76 -13.40 -22.40
C LYS A 53 -4.35 -14.84 -22.11
N THR A 54 -3.86 -15.12 -20.90
CA THR A 54 -3.36 -16.44 -20.57
C THR A 54 -4.39 -17.32 -19.88
N GLY A 55 -5.59 -16.81 -19.63
CA GLY A 55 -6.58 -17.57 -18.89
C GLY A 55 -6.22 -17.78 -17.43
N THR A 56 -5.46 -16.86 -16.84
CA THR A 56 -5.05 -17.01 -15.45
C THR A 56 -5.64 -15.93 -14.56
N VAL A 57 -6.85 -15.48 -14.87
CA VAL A 57 -7.52 -14.51 -14.01
C VAL A 57 -7.85 -15.18 -12.69
N SER A 58 -7.63 -14.47 -11.58
CA SER A 58 -8.01 -15.04 -10.28
C SER A 58 -8.34 -13.91 -9.31
N ASP A 59 -9.02 -14.30 -8.23
CA ASP A 59 -9.39 -13.35 -7.18
C ASP A 59 -8.17 -12.91 -6.38
N PHE A 60 -7.26 -13.84 -6.09
CA PHE A 60 -5.97 -13.50 -5.50
C PHE A 60 -5.25 -12.44 -6.33
N GLY A 61 -5.26 -12.61 -7.66
CA GLY A 61 -4.60 -11.65 -8.52
C GLY A 61 -5.32 -10.32 -8.61
N ALA A 62 -6.65 -10.33 -8.60
CA ALA A 62 -7.41 -9.08 -8.51
C ALA A 62 -7.03 -8.29 -7.27
N GLU A 63 -6.86 -8.98 -6.13
CA GLU A 63 -6.45 -8.30 -4.90
C GLU A 63 -5.00 -7.83 -4.97
N LEU A 64 -4.11 -8.67 -5.51
CA LEU A 64 -2.71 -8.26 -5.57
C LEU A 64 -2.53 -7.06 -6.48
N ASP A 65 -3.33 -7.01 -7.54
CA ASP A 65 -3.37 -5.85 -8.43
C ASP A 65 -3.73 -4.56 -7.68
N SER A 66 -4.80 -4.60 -6.87
CA SER A 66 -5.12 -3.42 -6.06
C SER A 66 -4.01 -3.13 -5.05
N ILE A 67 -3.50 -4.17 -4.38
CA ILE A 67 -2.46 -3.95 -3.37
C ILE A 67 -1.26 -3.27 -3.99
N SER A 68 -0.95 -3.63 -5.24
CA SER A 68 0.15 -3.02 -5.96
C SER A 68 -0.15 -1.56 -6.31
N ASP A 69 -1.41 -1.21 -6.56
CA ASP A 69 -1.74 0.20 -6.81
C ASP A 69 -1.57 1.06 -5.57
N VAL A 70 -1.86 0.50 -4.38
CA VAL A 70 -1.57 1.20 -3.13
C VAL A 70 -0.11 1.62 -3.11
N VAL A 71 0.81 0.68 -3.33
CA VAL A 71 2.24 0.99 -3.27
C VAL A 71 2.59 1.97 -4.36
N SER A 72 2.28 1.62 -5.60
CA SER A 72 2.82 2.33 -6.75
C SER A 72 2.19 3.70 -6.93
N PHE A 73 0.91 3.83 -6.63
CA PHE A 73 0.17 5.01 -7.03
C PHE A 73 -0.41 5.81 -5.87
N GLY A 74 -0.56 5.19 -4.69
CA GLY A 74 -0.97 5.88 -3.49
C GLY A 74 0.22 6.31 -2.64
N VAL A 75 1.04 5.35 -2.20
CA VAL A 75 2.16 5.68 -1.31
C VAL A 75 3.27 6.39 -2.07
N ALA A 76 3.74 5.80 -3.16
CA ALA A 76 4.97 6.31 -3.77
C ALA A 76 4.85 7.74 -4.29
N PRO A 77 3.77 8.17 -4.95
CA PRO A 77 3.70 9.57 -5.37
C PRO A 77 3.66 10.54 -4.20
N ALA A 78 2.98 10.20 -3.11
CA ALA A 78 2.97 11.09 -1.96
C ALA A 78 4.37 11.18 -1.36
N TYR A 79 5.07 10.03 -1.31
CA TYR A 79 6.46 10.05 -0.90
C TYR A 79 7.29 10.93 -1.81
N LEU A 80 7.16 10.73 -3.13
CA LEU A 80 7.98 11.47 -4.08
C LEU A 80 7.69 12.96 -4.03
N LEU A 81 6.48 13.34 -3.62
CA LEU A 81 6.18 14.76 -3.46
C LEU A 81 6.85 15.32 -2.20
N TYR A 82 6.77 14.60 -1.07
CA TYR A 82 7.35 15.12 0.18
C TYR A 82 8.87 15.00 0.18
N ASN A 83 9.42 13.94 -0.39
CA ASN A 83 10.85 13.79 -0.37
C ASN A 83 11.56 14.88 -1.15
N ASN A 84 10.99 15.32 -2.27
CA ASN A 84 11.67 16.24 -3.17
C ASN A 84 11.21 17.69 -3.00
N PHE A 85 10.28 17.93 -2.10
CA PHE A 85 9.73 19.26 -1.84
C PHE A 85 9.40 19.35 -0.35
N GLU A 86 10.38 18.98 0.49
CA GLU A 86 10.17 18.87 1.93
C GLU A 86 9.65 20.16 2.52
N SER A 87 8.44 20.10 3.08
CA SER A 87 7.78 21.29 3.59
C SER A 87 6.52 20.83 4.29
N ASN A 88 6.04 21.66 5.23
CA ASN A 88 4.80 21.34 5.95
C ASN A 88 3.63 21.18 5.00
N LEU A 89 3.51 22.10 4.03
CA LEU A 89 2.44 22.01 3.04
C LEU A 89 2.51 20.73 2.21
N ALA A 90 3.72 20.34 1.78
CA ALA A 90 3.79 19.10 1.00
C ALA A 90 3.50 17.87 1.88
N LEU A 91 3.88 17.93 3.16
CA LEU A 91 3.54 16.84 4.06
C LEU A 91 2.04 16.61 4.12
N ILE A 92 1.28 17.68 4.40
CA ILE A 92 -0.17 17.56 4.50
C ILE A 92 -0.78 17.12 3.18
N SER A 93 -0.22 17.60 2.06
CA SER A 93 -0.77 17.24 0.75
C SER A 93 -0.45 15.79 0.41
N ALA A 94 0.76 15.35 0.73
CA ALA A 94 1.10 13.93 0.55
C ALA A 94 0.11 13.05 1.29
N ILE A 95 -0.21 13.43 2.55
CA ILE A 95 -1.13 12.68 3.38
C ILE A 95 -2.51 12.63 2.73
N ILE A 96 -2.99 13.77 2.23
CA ILE A 96 -4.31 13.80 1.61
C ILE A 96 -4.31 13.01 0.32
N PHE A 97 -3.29 13.22 -0.52
CA PHE A 97 -3.16 12.43 -1.74
C PHE A 97 -3.28 10.94 -1.43
N CYS A 98 -2.50 10.46 -0.47
CA CYS A 98 -2.45 9.03 -0.19
C CYS A 98 -3.78 8.56 0.37
N LEU A 99 -4.34 9.32 1.30
CA LEU A 99 -5.66 9.01 1.85
C LEU A 99 -6.68 8.86 0.74
N CYS A 100 -6.71 9.87 -0.16
CA CYS A 100 -7.67 9.85 -1.26
C CYS A 100 -7.43 8.65 -2.18
N GLY A 101 -6.16 8.36 -2.49
CA GLY A 101 -5.89 7.14 -3.22
C GLY A 101 -6.38 5.89 -2.49
N ALA A 102 -6.24 5.87 -1.16
CA ALA A 102 -6.71 4.71 -0.40
C ALA A 102 -8.23 4.60 -0.42
N LEU A 103 -8.92 5.72 -0.25
CA LEU A 103 -10.38 5.70 -0.23
C LEU A 103 -10.96 5.24 -1.57
N ARG A 104 -10.38 5.69 -2.69
CA ARG A 104 -10.95 5.27 -3.98
C ARG A 104 -10.60 3.80 -4.27
N LEU A 105 -9.40 3.36 -3.87
CA LEU A 105 -9.11 1.93 -4.00
C LEU A 105 -10.08 1.11 -3.16
N ALA A 106 -10.43 1.61 -1.97
CA ALA A 106 -11.43 0.91 -1.15
C ALA A 106 -12.79 0.90 -1.83
N ARG A 107 -13.24 2.06 -2.34
CA ARG A 107 -14.50 2.10 -3.08
C ARG A 107 -14.43 1.18 -4.30
N PHE A 108 -13.37 1.28 -5.09
CA PHE A 108 -13.20 0.40 -6.24
C PHE A 108 -13.21 -1.07 -5.83
N GLY A 109 -12.63 -1.39 -4.68
CA GLY A 109 -12.63 -2.77 -4.21
C GLY A 109 -14.01 -3.35 -3.95
N ILE A 110 -14.96 -2.54 -3.50
CA ILE A 110 -16.33 -3.02 -3.27
C ILE A 110 -17.23 -2.72 -4.46
N LEU A 111 -16.66 -2.30 -5.57
CA LEU A 111 -17.40 -1.99 -6.78
C LEU A 111 -17.04 -2.96 -7.88
N ASN A 112 -17.93 -3.06 -8.87
CA ASN A 112 -17.72 -3.85 -10.08
C ASN A 112 -18.50 -3.15 -11.20
N VAL A 113 -17.93 -2.06 -11.71
CA VAL A 113 -18.61 -1.20 -12.66
C VAL A 113 -17.77 -1.05 -13.92
N LYS A 114 -18.45 -0.70 -15.03
CA LYS A 114 -17.80 -0.71 -16.33
C LYS A 114 -16.75 0.39 -16.48
N GLY A 115 -16.98 1.54 -15.85
CA GLY A 115 -16.00 2.62 -15.93
C GLY A 115 -15.36 2.91 -14.59
N PHE A 116 -14.68 4.05 -14.48
CA PHE A 116 -14.13 4.50 -13.21
C PHE A 116 -15.07 5.52 -12.58
N ILE A 117 -15.16 5.47 -11.25
CA ILE A 117 -15.85 6.49 -10.47
C ILE A 117 -14.77 7.29 -9.77
N GLY A 118 -14.67 8.58 -10.13
CA GLY A 118 -13.54 9.39 -9.72
C GLY A 118 -12.35 9.15 -10.64
N LEU A 119 -11.32 9.96 -10.44
CA LEU A 119 -10.13 9.83 -11.26
C LEU A 119 -9.39 8.54 -10.89
N PRO A 120 -8.96 7.73 -11.86
CA PRO A 120 -8.31 6.45 -11.52
C PRO A 120 -6.96 6.72 -10.85
N ILE A 121 -6.60 5.87 -9.90
CA ILE A 121 -5.39 6.13 -9.14
C ILE A 121 -4.11 6.09 -10.00
N PRO A 122 -4.01 5.31 -11.09
CA PRO A 122 -2.81 5.46 -11.94
C PRO A 122 -2.76 6.80 -12.62
N ALA A 123 -3.92 7.33 -13.01
CA ALA A 123 -3.94 8.65 -13.64
C ALA A 123 -3.59 9.73 -12.65
N GLY A 124 -4.11 9.62 -11.41
CA GLY A 124 -3.75 10.58 -10.39
C GLY A 124 -2.26 10.58 -10.12
N ALA A 125 -1.69 9.39 -9.91
CA ALA A 125 -0.27 9.24 -9.66
C ALA A 125 0.56 9.88 -10.76
N LEU A 126 0.11 9.71 -12.01
CA LEU A 126 0.81 10.29 -13.14
C LEU A 126 0.83 11.82 -13.06
N LEU A 127 -0.34 12.44 -12.88
CA LEU A 127 -0.39 13.90 -12.78
C LEU A 127 0.53 14.41 -11.69
N LEU A 128 0.47 13.82 -10.50
CA LEU A 128 1.30 14.31 -9.40
C LEU A 128 2.79 14.18 -9.73
N VAL A 129 3.20 13.00 -10.18
CA VAL A 129 4.61 12.77 -10.48
C VAL A 129 5.07 13.68 -11.62
N GLY A 130 4.26 13.80 -12.68
CA GLY A 130 4.58 14.74 -13.74
C GLY A 130 4.72 16.18 -13.26
N PHE A 131 3.71 16.68 -12.55
CA PHE A 131 3.79 18.04 -12.01
C PHE A 131 5.05 18.21 -11.16
N CYS A 132 5.38 17.21 -10.35
CA CYS A 132 6.58 17.29 -9.49
C CYS A 132 7.85 17.43 -10.31
N GLN A 133 7.89 16.80 -11.48
CA GLN A 133 9.10 16.88 -12.28
C GLN A 133 9.21 18.16 -13.10
N LEU A 134 8.07 18.77 -13.49
CA LEU A 134 8.12 19.90 -14.41
C LEU A 134 7.73 21.21 -13.76
N ILE A 135 7.42 21.22 -12.47
CA ILE A 135 7.04 22.42 -11.76
C ILE A 135 7.93 22.51 -10.52
N ASN A 136 8.78 23.51 -10.47
CA ASN A 136 9.68 23.70 -9.34
C ASN A 136 8.99 24.66 -8.39
N SER A 137 8.06 24.11 -7.61
CA SER A 137 7.29 24.90 -6.67
C SER A 137 6.60 23.92 -5.73
N TYR A 138 6.98 23.95 -4.47
CA TYR A 138 6.34 23.05 -3.51
C TYR A 138 4.89 23.45 -3.30
N LEU A 139 4.61 24.75 -3.29
CA LEU A 139 3.24 25.20 -3.03
C LEU A 139 2.30 24.72 -4.12
N ILE A 140 2.66 24.97 -5.39
CA ILE A 140 1.80 24.58 -6.51
C ILE A 140 1.65 23.07 -6.56
N ASN A 141 2.76 22.35 -6.39
CA ASN A 141 2.68 20.89 -6.38
C ASN A 141 1.88 20.42 -5.19
N SER A 142 2.01 21.09 -4.05
CA SER A 142 1.19 20.76 -2.88
C SER A 142 -0.29 20.98 -3.18
N ILE A 143 -0.62 22.06 -3.88
CA ILE A 143 -2.00 22.32 -4.22
C ILE A 143 -2.52 21.22 -5.13
N LEU A 144 -1.74 20.88 -6.17
CA LEU A 144 -2.21 19.91 -7.16
C LEU A 144 -2.46 18.55 -6.53
N ALA A 145 -1.54 18.12 -5.67
CA ALA A 145 -1.71 16.86 -4.95
C ALA A 145 -3.10 16.77 -4.31
N ILE A 146 -3.53 17.84 -3.65
CA ILE A 146 -4.87 17.87 -3.08
C ILE A 146 -5.92 17.83 -4.19
N LEU A 147 -5.73 18.63 -5.23
CA LEU A 147 -6.73 18.63 -6.31
C LEU A 147 -6.85 17.25 -6.94
N ILE A 148 -5.72 16.55 -7.08
CA ILE A 148 -5.80 15.19 -7.63
C ILE A 148 -6.52 14.28 -6.65
N GLY A 149 -6.21 14.39 -5.35
CA GLY A 149 -6.86 13.54 -4.38
C GLY A 149 -8.37 13.71 -4.40
N LEU A 150 -8.84 14.95 -4.51
CA LEU A 150 -10.27 15.21 -4.56
C LEU A 150 -10.89 14.62 -5.83
N LEU A 151 -10.19 14.71 -6.95
CA LEU A 151 -10.67 14.12 -8.19
C LEU A 151 -10.79 12.61 -8.05
N ILE A 153 -11.34 10.67 -5.46
CA ILE A 153 -12.45 10.22 -4.62
C ILE A 153 -13.77 10.83 -5.05
N SER A 154 -13.78 11.58 -6.15
CA SER A 154 -14.97 12.25 -6.65
C SER A 154 -15.90 11.25 -7.35
N ASP A 155 -17.03 11.79 -7.84
CA ASP A 155 -18.02 11.07 -8.60
C ASP A 155 -17.91 11.38 -10.08
N ILE A 156 -16.81 11.99 -10.50
CA ILE A 156 -16.59 12.25 -11.91
C ILE A 156 -16.30 10.92 -12.60
N LYS A 157 -17.05 10.64 -13.66
CA LYS A 157 -16.94 9.39 -14.40
C LYS A 157 -15.76 9.44 -15.33
N TYR A 158 -14.93 8.38 -15.34
CA TYR A 158 -13.81 8.32 -16.28
C TYR A 158 -13.79 6.97 -17.00
N PRO A 159 -13.52 6.95 -18.31
CA PRO A 159 -13.58 5.66 -19.04
C PRO A 159 -12.47 4.72 -18.58
N LYS A 160 -12.73 3.42 -18.75
CA LYS A 160 -11.86 2.38 -18.20
C LYS A 160 -10.84 1.85 -19.19
N TYR A 161 -11.18 1.72 -20.46
CA TYR A 161 -10.24 1.20 -21.46
C TYR A 161 -10.17 2.16 -22.64
N PRO A 162 -9.00 2.72 -22.96
CA PRO A 162 -8.90 3.67 -24.06
C PRO A 162 -8.90 2.97 -25.42
N ASN A 163 -9.07 3.77 -26.46
CA ASN A 163 -9.01 3.27 -27.82
C ASN A 163 -7.57 2.97 -28.22
N LYS A 164 -7.42 1.99 -29.11
CA LYS A 164 -6.11 1.53 -29.57
C LYS A 164 -5.17 2.69 -29.90
N ILE A 165 -5.70 3.74 -30.53
CA ILE A 165 -4.87 4.89 -30.84
C ILE A 165 -4.36 5.55 -29.58
N PHE A 166 -5.23 5.73 -28.60
CA PHE A 166 -4.85 6.44 -27.39
C PHE A 166 -3.81 5.65 -26.61
N ILE A 167 -4.01 4.33 -26.50
CA ILE A 167 -3.04 3.49 -25.79
C ILE A 167 -1.75 3.39 -26.59
N TYR A 168 -1.82 3.44 -27.93
CA TYR A 168 -0.61 3.49 -28.74
C TYR A 168 0.26 4.66 -28.34
N ILE A 169 -0.33 5.86 -28.29
CA ILE A 169 0.38 7.10 -27.98
C ILE A 169 0.72 7.18 -26.49
N PHE A 170 -0.23 6.79 -25.64
CA PHE A 170 0.05 6.84 -24.21
C PHE A 170 1.20 5.91 -23.86
N ALA A 171 1.23 4.71 -24.46
CA ALA A 171 2.29 3.75 -24.15
C ALA A 171 3.65 4.32 -24.48
N VAL A 172 3.81 4.84 -25.71
CA VAL A 172 5.05 5.49 -26.10
C VAL A 172 5.40 6.61 -25.13
N SER A 173 4.41 7.44 -24.80
CA SER A 173 4.66 8.60 -23.93
C SER A 173 5.05 8.18 -22.52
N LEU A 174 4.57 7.03 -22.05
CA LEU A 174 5.02 6.50 -20.76
C LEU A 174 6.49 6.10 -20.80
N CYS A 175 6.95 5.52 -21.92
CA CYS A 175 8.36 5.17 -22.00
C CYS A 175 9.23 6.41 -22.18
N LEU A 176 8.78 7.36 -23.00
CA LEU A 176 9.46 8.65 -23.03
C LEU A 176 9.55 9.23 -21.62
N ALA A 177 8.46 9.17 -20.84
CA ALA A 177 8.52 9.64 -19.46
C ALA A 177 9.62 8.92 -18.68
N ILE A 178 9.78 7.61 -18.88
CA ILE A 178 10.76 6.82 -18.13
C ILE A 178 12.19 7.33 -18.36
N VAL A 179 12.51 7.79 -19.57
CA VAL A 179 13.88 8.18 -19.86
C VAL A 179 14.08 9.66 -19.56
N GLY A 180 13.10 10.28 -18.92
CA GLY A 180 13.26 11.63 -18.42
C GLY A 180 12.44 12.68 -19.13
N ILE A 181 11.56 12.30 -20.05
CA ILE A 181 10.72 13.25 -20.79
C ILE A 181 9.25 12.96 -20.52
N PRO A 182 8.69 13.45 -19.42
CA PRO A 182 7.30 13.13 -19.06
C PRO A 182 6.24 14.00 -19.70
N HIS A 183 6.64 14.98 -20.54
CA HIS A 183 5.74 16.04 -20.99
C HIS A 183 4.50 15.48 -21.67
N PHE A 184 4.68 14.47 -22.53
CA PHE A 184 3.58 13.96 -23.34
C PHE A 184 2.68 13.03 -22.55
N ALA A 185 3.25 12.22 -21.66
CA ALA A 185 2.43 11.45 -20.73
C ALA A 185 1.62 12.38 -19.83
N LEU A 186 2.29 13.34 -19.18
CA LEU A 186 1.60 14.34 -18.36
C LEU A 186 0.55 15.09 -19.18
N LEU A 188 -0.98 14.08 -21.98
CA LEU A 188 -2.05 13.17 -22.34
C LEU A 188 -2.94 12.87 -21.13
N CYS A 189 -2.32 12.75 -19.95
CA CYS A 189 -3.10 12.50 -18.75
C CYS A 189 -3.94 13.71 -18.35
N LEU A 190 -3.51 14.92 -18.73
CA LEU A 190 -4.28 16.11 -18.39
C LEU A 190 -5.53 16.19 -19.23
N ILE A 191 -5.41 15.89 -20.52
CA ILE A 191 -6.56 15.86 -21.42
C ILE A 191 -7.62 14.91 -20.89
N TYR A 192 -7.19 13.70 -20.50
CA TYR A 192 -8.08 12.69 -19.95
C TYR A 192 -8.81 13.22 -18.71
N ALA A 193 -8.06 13.78 -17.75
CA ALA A 193 -8.68 14.25 -16.51
C ALA A 193 -9.56 15.50 -16.74
N ILE A 194 -9.05 16.49 -17.46
CA ILE A 194 -9.81 17.73 -17.62
C ILE A 194 -11.07 17.49 -18.45
N TYR A 195 -10.98 16.66 -19.49
CA TYR A 195 -12.16 16.29 -20.26
C TYR A 195 -13.19 15.57 -19.39
N GLY A 196 -12.72 14.75 -18.46
CA GLY A 196 -13.63 14.17 -17.49
C GLY A 196 -14.37 15.22 -16.68
N ILE A 197 -13.64 16.25 -16.23
CA ILE A 197 -14.23 17.28 -15.39
C ILE A 197 -15.27 18.07 -16.16
N ILE A 198 -14.96 18.42 -17.41
CA ILE A 198 -15.84 19.24 -18.24
C ILE A 198 -17.16 18.52 -18.49
N LYS A 199 -17.08 17.22 -18.83
CA LYS A 199 -18.29 16.43 -19.09
C LYS A 199 -19.17 16.38 -17.87
N TYR A 200 -18.54 16.27 -16.69
CA TYR A 200 -19.30 16.29 -15.45
C TYR A 200 -19.94 17.64 -15.21
N ILE A 201 -19.17 18.72 -15.39
CA ILE A 201 -19.73 20.06 -15.21
C ILE A 201 -20.77 20.35 -16.28
N ARG A 202 -20.47 20.01 -17.54
CA ARG A 202 -21.48 20.19 -18.59
C ARG A 202 -22.74 19.39 -18.30
N GLY A 203 -22.61 18.29 -17.56
CA GLY A 203 -23.72 17.39 -17.36
C GLY A 203 -23.99 16.45 -18.51
N ASP A 204 -23.39 16.67 -19.68
CA ASP A 204 -23.60 15.79 -20.82
C ASP A 204 -22.81 14.50 -20.65
N ALA B 1 -20.53 8.80 -9.51
CA ALA B 1 -21.62 9.24 -10.38
C ALA B 1 -22.62 10.23 -9.74
N PRO B 2 -22.97 10.08 -8.44
CA PRO B 2 -23.94 11.00 -7.83
C PRO B 2 -23.36 12.35 -7.42
N HIS B 3 -23.55 13.38 -8.24
CA HIS B 3 -23.03 14.74 -7.98
C HIS B 3 -21.52 14.63 -7.76
N PHE B 5 -19.24 14.31 -4.35
CA PHE B 5 -18.51 13.62 -3.29
C PHE B 5 -19.41 12.66 -2.52
N SER B 6 -20.15 11.82 -3.24
CA SER B 6 -21.02 10.83 -2.61
C SER B 6 -20.28 9.81 -1.74
N ILE B 7 -18.95 9.75 -1.82
CA ILE B 7 -18.19 8.81 -1.01
C ILE B 7 -18.29 9.09 0.49
N ARG B 8 -18.60 10.33 0.89
CA ARG B 8 -18.84 10.59 2.31
C ARG B 8 -20.02 9.78 2.85
N LYS B 9 -20.95 9.37 1.98
CA LYS B 9 -22.15 8.68 2.41
C LYS B 9 -21.92 7.21 2.77
N ILE B 10 -20.72 6.69 2.56
CA ILE B 10 -20.37 5.33 2.94
C ILE B 10 -19.22 5.28 3.93
N ILE B 11 -18.72 6.42 4.39
CA ILE B 11 -17.63 6.48 5.35
C ILE B 11 -18.21 6.41 6.76
N THR B 12 -17.61 5.58 7.61
CA THR B 12 -18.06 5.39 8.99
C THR B 12 -17.01 5.93 9.96
N ILE B 13 -17.40 5.95 11.24
CA ILE B 13 -16.49 6.38 12.30
C ILE B 13 -15.31 5.42 12.45
N SER B 14 -15.46 4.18 12.00
CA SER B 14 -14.31 3.28 12.00
C SER B 14 -13.31 3.68 10.92
N ASP B 15 -13.80 4.01 9.71
CA ASP B 15 -12.89 4.45 8.64
C ASP B 15 -11.97 5.59 9.08
N TYR B 16 -12.43 6.46 9.99
CA TYR B 16 -11.59 7.55 10.45
C TYR B 16 -10.41 7.03 11.23
N VAL B 17 -10.62 6.00 12.05
CA VAL B 17 -9.50 5.33 12.70
C VAL B 17 -8.56 4.75 11.65
N THR B 18 -9.15 4.07 10.65
CA THR B 18 -8.36 3.46 9.58
C THR B 18 -7.50 4.49 8.88
N LEU B 20 -6.48 7.31 10.21
CA LEU B 20 -5.40 7.59 11.17
C LEU B 20 -4.28 6.59 11.01
N ASN B 21 -4.65 5.32 10.86
CA ASN B 21 -3.67 4.27 10.62
C ASN B 21 -2.89 4.53 9.34
N ILE B 22 -3.59 4.91 8.26
CA ILE B 22 -2.92 5.20 7.00
C ILE B 22 -1.98 6.41 7.15
N ILE B 23 -2.40 7.43 7.90
CA ILE B 23 -1.50 8.55 8.14
C ILE B 23 -0.26 8.12 8.92
N THR B 24 -0.46 7.36 10.01
CA THR B 24 0.71 6.98 10.80
C THR B 24 1.62 6.05 9.98
N GLY B 25 1.03 5.15 9.19
CA GLY B 25 1.83 4.32 8.32
C GLY B 25 2.60 5.12 7.28
N LEU B 26 1.95 6.10 6.66
CA LEU B 26 2.63 6.91 5.66
C LEU B 26 3.69 7.79 6.30
N LEU B 27 3.42 8.31 7.50
CA LEU B 27 4.40 9.16 8.17
C LEU B 27 5.60 8.34 8.64
N ALA B 28 5.40 7.05 8.92
CA ALA B 28 6.54 6.18 9.21
C ALA B 28 7.56 6.25 8.08
N ILE B 29 7.08 6.26 6.83
CA ILE B 29 7.97 6.37 5.67
C ILE B 29 8.48 7.80 5.54
N LEU B 30 7.56 8.78 5.51
CA LEU B 30 7.97 10.16 5.23
C LEU B 30 8.89 10.74 6.30
N LEU B 31 8.75 10.31 7.56
CA LEU B 31 9.59 10.86 8.62
C LEU B 31 10.67 9.90 9.11
N ASN B 32 10.76 8.71 8.53
CA ASN B 32 11.72 7.69 8.96
C ASN B 32 11.58 7.43 10.46
N SER B 33 10.40 6.94 10.84
CA SER B 33 10.07 6.72 12.25
C SER B 33 9.59 5.28 12.47
N PHE B 34 10.40 4.49 13.18
CA PHE B 34 9.93 3.22 13.69
C PHE B 34 8.81 3.43 14.71
N SER B 35 8.90 4.53 15.47
CA SER B 35 7.94 4.82 16.52
C SER B 35 6.51 4.78 15.99
N LEU B 36 6.30 5.25 14.75
CA LEU B 36 4.99 5.29 14.12
C LEU B 36 4.54 3.94 13.56
N ILE B 37 5.43 2.95 13.46
CA ILE B 37 4.92 1.62 13.14
C ILE B 37 4.20 1.04 14.36
N TYR B 38 4.73 1.32 15.55
CA TYR B 38 4.06 0.81 16.74
C TYR B 38 2.70 1.47 16.91
N LEU B 39 2.60 2.77 16.61
CA LEU B 39 1.28 3.39 16.68
C LEU B 39 0.34 2.74 15.66
N SER B 40 0.87 2.39 14.47
CA SER B 40 0.04 1.77 13.43
C SER B 40 -0.55 0.45 13.89
N ILE B 41 0.22 -0.33 14.65
CA ILE B 41 -0.27 -1.59 15.21
C ILE B 41 -1.40 -1.33 16.19
N ILE B 42 -1.25 -0.30 17.03
CA ILE B 42 -2.35 0.05 17.93
C ILE B 42 -3.59 0.44 17.14
N PHE B 43 -3.43 1.31 16.13
CA PHE B 43 -4.58 1.75 15.34
C PHE B 43 -5.16 0.59 14.53
N ASP B 44 -4.31 -0.28 14.00
CA ASP B 44 -4.82 -1.43 13.28
C ASP B 44 -5.62 -2.36 14.19
N SER B 45 -5.31 -2.38 15.48
CA SER B 45 -6.18 -3.09 16.40
C SER B 45 -7.41 -2.26 16.76
N LEU B 46 -7.30 -0.93 16.73
CA LEU B 46 -8.43 -0.11 17.17
C LEU B 46 -9.56 -0.01 16.15
N ASP B 47 -9.26 -0.03 14.84
CA ASP B 47 -10.30 0.34 13.88
C ASP B 47 -11.34 -0.77 13.75
N GLY B 48 -10.91 -2.03 13.79
CA GLY B 48 -11.85 -3.13 13.79
C GLY B 48 -12.64 -3.26 15.09
N TYR B 49 -12.03 -2.89 16.22
CA TYR B 49 -12.76 -2.88 17.48
C TYR B 49 -13.85 -1.80 17.48
N VAL B 50 -13.51 -0.59 17.01
CA VAL B 50 -14.51 0.47 16.93
C VAL B 50 -15.64 0.07 15.99
N ALA B 51 -15.31 -0.56 14.86
CA ALA B 51 -16.35 -1.02 13.95
C ALA B 51 -17.35 -1.93 14.65
N ARG B 52 -16.85 -2.94 15.36
CA ARG B 52 -17.76 -3.88 16.02
C ARG B 52 -18.51 -3.24 17.18
N LYS B 53 -17.82 -2.41 17.98
CA LYS B 53 -18.46 -1.80 19.13
C LYS B 53 -19.51 -0.79 18.69
N THR B 54 -19.17 0.08 17.74
CA THR B 54 -20.11 1.06 17.24
C THR B 54 -21.10 0.48 16.23
N GLY B 55 -20.95 -0.79 15.85
CA GLY B 55 -21.85 -1.39 14.88
C GLY B 55 -21.77 -0.78 13.49
N THR B 56 -20.57 -0.41 13.05
CA THR B 56 -20.40 0.20 11.73
C THR B 56 -19.43 -0.62 10.86
N VAL B 57 -19.51 -1.94 10.98
CA VAL B 57 -18.71 -2.81 10.13
C VAL B 57 -19.17 -2.65 8.70
N SER B 58 -18.23 -2.44 7.78
CA SER B 58 -18.61 -2.29 6.37
C SER B 58 -17.58 -2.98 5.49
N ASP B 59 -18.03 -3.34 4.30
CA ASP B 59 -17.11 -3.90 3.31
C ASP B 59 -16.04 -2.89 2.91
N PHE B 60 -16.45 -1.64 2.68
CA PHE B 60 -15.50 -0.56 2.39
C PHE B 60 -14.46 -0.44 3.51
N GLY B 61 -14.90 -0.53 4.76
CA GLY B 61 -13.95 -0.46 5.86
C GLY B 61 -13.06 -1.67 5.94
N ALA B 62 -13.58 -2.84 5.58
CA ALA B 62 -12.71 -4.02 5.54
C ALA B 62 -11.62 -3.84 4.50
N GLU B 63 -11.97 -3.32 3.32
CA GLU B 63 -10.96 -3.09 2.29
C GLU B 63 -9.94 -2.04 2.72
N LEU B 64 -10.41 -0.95 3.35
CA LEU B 64 -9.50 0.11 3.78
C LEU B 64 -8.55 -0.35 4.87
N ASP B 65 -9.04 -1.22 5.75
CA ASP B 65 -8.18 -1.89 6.74
C ASP B 65 -7.01 -2.61 6.06
N SER B 66 -7.31 -3.42 5.03
CA SER B 66 -6.23 -4.09 4.31
C SER B 66 -5.30 -3.08 3.64
N ILE B 67 -5.87 -2.11 2.94
CA ILE B 67 -5.07 -1.09 2.26
C ILE B 67 -4.14 -0.41 3.25
N SER B 68 -4.67 -0.10 4.44
CA SER B 68 -3.85 0.47 5.50
C SER B 68 -2.70 -0.48 5.85
N ASP B 69 -2.96 -1.79 5.90
CA ASP B 69 -1.90 -2.74 6.21
C ASP B 69 -0.78 -2.72 5.18
N VAL B 70 -1.11 -2.51 3.89
CA VAL B 70 -0.06 -2.41 2.86
C VAL B 70 0.88 -1.26 3.17
N VAL B 71 0.33 -0.06 3.39
CA VAL B 71 1.15 1.11 3.70
C VAL B 71 2.04 0.81 4.90
N SER B 72 1.42 0.50 6.03
CA SER B 72 2.11 0.61 7.30
C SER B 72 2.90 -0.64 7.65
N PHE B 73 2.47 -1.81 7.16
CA PHE B 73 3.12 -3.04 7.56
C PHE B 73 3.84 -3.73 6.41
N GLY B 74 3.55 -3.35 5.16
CA GLY B 74 4.18 -3.89 3.98
C GLY B 74 5.20 -2.93 3.39
N VAL B 75 4.78 -1.71 3.06
CA VAL B 75 5.71 -0.75 2.48
C VAL B 75 6.65 -0.18 3.55
N ALA B 76 6.09 0.29 4.66
CA ALA B 76 6.90 1.09 5.59
C ALA B 76 8.06 0.30 6.19
N PRO B 77 7.89 -0.93 6.69
CA PRO B 77 9.05 -1.64 7.24
C PRO B 77 10.11 -1.92 6.19
N ALA B 78 9.68 -2.28 4.99
CA ALA B 78 10.64 -2.47 3.91
C ALA B 78 11.36 -1.15 3.61
N TYR B 79 10.63 -0.03 3.57
CA TYR B 79 11.31 1.26 3.46
C TYR B 79 12.25 1.50 4.64
N LEU B 80 11.81 1.21 5.86
CA LEU B 80 12.65 1.53 7.00
C LEU B 80 13.91 0.67 7.03
N LEU B 81 13.81 -0.58 6.57
CA LEU B 81 15.01 -1.42 6.51
C LEU B 81 16.03 -0.87 5.51
N TYR B 82 15.57 -0.52 4.29
CA TYR B 82 16.51 -0.07 3.28
C TYR B 82 17.07 1.30 3.60
N ASN B 83 16.20 2.23 3.99
CA ASN B 83 16.64 3.58 4.27
C ASN B 83 17.67 3.65 5.40
N ASN B 84 17.58 2.77 6.39
CA ASN B 84 18.45 2.83 7.54
C ASN B 84 19.58 1.80 7.49
N PHE B 85 19.65 1.01 6.42
CA PHE B 85 20.69 0.00 6.26
C PHE B 85 21.00 -0.15 4.78
N GLU B 86 21.25 0.98 4.11
CA GLU B 86 21.33 1.05 2.66
C GLU B 86 22.39 0.13 2.07
N SER B 87 21.96 -0.87 1.32
CA SER B 87 22.85 -1.89 0.80
C SER B 87 22.07 -2.71 -0.19
N ASN B 88 22.80 -3.38 -1.08
CA ASN B 88 22.15 -4.25 -2.06
C ASN B 88 21.33 -5.32 -1.36
N LEU B 89 21.90 -5.94 -0.32
CA LEU B 89 21.22 -7.02 0.39
C LEU B 89 19.94 -6.52 1.08
N ALA B 90 19.99 -5.35 1.71
CA ALA B 90 18.75 -4.85 2.31
C ALA B 90 17.78 -4.37 1.24
N LEU B 91 18.28 -4.01 0.05
CA LEU B 91 17.36 -3.69 -1.03
C LEU B 91 16.57 -4.93 -1.44
N ILE B 92 17.26 -6.04 -1.69
CA ILE B 92 16.57 -7.26 -2.10
C ILE B 92 15.66 -7.75 -0.99
N SER B 93 16.10 -7.61 0.26
CA SER B 93 15.34 -8.11 1.41
C SER B 93 14.09 -7.27 1.63
N ALA B 94 14.20 -5.94 1.56
CA ALA B 94 13.03 -5.08 1.62
C ALA B 94 12.04 -5.43 0.53
N ILE B 95 12.52 -5.84 -0.65
CA ILE B 95 11.63 -6.24 -1.72
C ILE B 95 10.90 -7.51 -1.37
N ILE B 96 11.65 -8.53 -0.91
CA ILE B 96 11.02 -9.79 -0.52
C ILE B 96 9.99 -9.54 0.56
N PHE B 97 10.38 -8.79 1.59
CA PHE B 97 9.49 -8.52 2.70
C PHE B 97 8.18 -7.92 2.21
N CYS B 98 8.28 -6.87 1.40
CA CYS B 98 7.07 -6.18 0.96
C CYS B 98 6.22 -7.11 0.12
N LEU B 99 6.86 -7.84 -0.80
CA LEU B 99 6.15 -8.80 -1.64
C LEU B 99 5.46 -9.86 -0.81
N CYS B 100 6.12 -10.34 0.24
CA CYS B 100 5.50 -11.36 1.07
C CYS B 100 4.33 -10.79 1.85
N GLY B 101 4.47 -9.60 2.41
CA GLY B 101 3.32 -8.92 2.97
C GLY B 101 2.18 -8.78 1.98
N ALA B 102 2.52 -8.40 0.73
CA ALA B 102 1.49 -8.19 -0.28
C ALA B 102 0.75 -9.49 -0.60
N LEU B 103 1.48 -10.60 -0.70
CA LEU B 103 0.84 -11.85 -1.08
C LEU B 103 -0.05 -12.38 0.04
N ARG B 104 0.39 -12.28 1.30
CA ARG B 104 -0.48 -12.76 2.37
C ARG B 104 -1.70 -11.86 2.54
N LEU B 105 -1.57 -10.55 2.30
CA LEU B 105 -2.77 -9.72 2.24
C LEU B 105 -3.68 -10.11 1.08
N ALA B 106 -3.11 -10.50 -0.07
CA ALA B 106 -3.94 -10.97 -1.17
C ALA B 106 -4.62 -12.29 -0.81
N ARG B 107 -3.89 -13.19 -0.16
CA ARG B 107 -4.46 -14.46 0.26
C ARG B 107 -5.47 -14.26 1.39
N PHE B 108 -5.17 -13.34 2.31
CA PHE B 108 -6.12 -13.02 3.38
C PHE B 108 -7.43 -12.49 2.80
N GLY B 109 -7.34 -11.66 1.76
CA GLY B 109 -8.55 -11.12 1.16
C GLY B 109 -9.50 -12.16 0.61
N ILE B 110 -8.97 -13.28 0.09
CA ILE B 110 -9.86 -14.27 -0.51
C ILE B 110 -10.45 -15.20 0.56
N LEU B 111 -9.64 -15.65 1.51
CA LEU B 111 -10.10 -16.48 2.61
C LEU B 111 -9.50 -15.94 3.90
N ASN B 112 -10.34 -15.71 4.94
CA ASN B 112 -9.82 -15.08 6.16
C ASN B 112 -10.51 -15.49 7.45
N VAL B 113 -11.50 -16.39 7.45
CA VAL B 113 -12.24 -16.63 8.68
C VAL B 113 -11.50 -17.59 9.62
N LYS B 114 -10.74 -18.55 9.08
CA LYS B 114 -10.20 -19.64 9.89
C LYS B 114 -9.32 -19.12 11.04
N GLY B 115 -8.61 -18.02 10.80
CA GLY B 115 -7.69 -17.49 11.79
C GLY B 115 -6.60 -16.72 11.07
N PHE B 116 -5.34 -16.97 11.41
CA PHE B 116 -4.22 -16.51 10.60
C PHE B 116 -3.51 -17.73 10.03
N ILE B 117 -3.40 -17.78 8.71
CA ILE B 117 -2.53 -18.71 8.01
C ILE B 117 -1.28 -17.94 7.66
N GLY B 118 -0.13 -18.36 8.20
CA GLY B 118 1.08 -17.58 8.13
C GLY B 118 1.13 -16.51 9.19
N LEU B 119 2.32 -15.92 9.33
CA LEU B 119 2.52 -14.84 10.29
C LEU B 119 1.76 -13.60 9.85
N PRO B 120 0.86 -13.06 10.66
CA PRO B 120 0.09 -11.87 10.25
C PRO B 120 1.00 -10.70 9.97
N ILE B 121 0.58 -9.84 9.03
CA ILE B 121 1.45 -8.73 8.61
C ILE B 121 1.75 -7.73 9.71
N PRO B 122 0.85 -7.40 10.66
CA PRO B 122 1.29 -6.48 11.73
C PRO B 122 2.39 -7.08 12.57
N ALA B 123 2.36 -8.40 12.79
CA ALA B 123 3.38 -9.06 13.60
C ALA B 123 4.70 -9.15 12.86
N GLY B 124 4.63 -9.42 11.56
CA GLY B 124 5.85 -9.42 10.77
C GLY B 124 6.52 -8.07 10.80
N ALA B 125 5.72 -7.01 10.69
CA ALA B 125 6.26 -5.65 10.61
C ALA B 125 6.91 -5.24 11.93
N LEU B 126 6.28 -5.60 13.05
CA LEU B 126 6.88 -5.38 14.36
C LEU B 126 8.22 -6.09 14.48
N LEU B 127 8.29 -7.36 14.05
CA LEU B 127 9.56 -8.08 14.10
C LEU B 127 10.64 -7.33 13.33
N LEU B 128 10.35 -6.98 12.08
CA LEU B 128 11.35 -6.30 11.26
C LEU B 128 11.80 -4.98 11.91
N VAL B 129 10.84 -4.09 12.25
CA VAL B 129 11.27 -2.79 12.78
C VAL B 129 11.96 -2.98 14.14
N GLY B 130 11.49 -3.92 14.95
CA GLY B 130 12.22 -4.26 16.17
C GLY B 130 13.66 -4.69 15.91
N PHE B 131 13.85 -5.66 15.03
CA PHE B 131 15.22 -6.09 14.72
C PHE B 131 16.04 -4.91 14.19
N CYS B 132 15.45 -4.08 13.32
CA CYS B 132 16.17 -2.93 12.76
C CYS B 132 16.61 -1.95 13.82
N GLN B 133 15.87 -1.85 14.93
CA GLN B 133 16.24 -0.90 15.96
C GLN B 133 17.26 -1.44 16.93
N LEU B 134 17.25 -2.75 17.18
CA LEU B 134 18.10 -3.31 18.21
C LEU B 134 19.34 -4.01 17.67
N ILE B 135 19.43 -4.23 16.37
CA ILE B 135 20.56 -4.93 15.76
C ILE B 135 21.17 -4.00 14.72
N ASN B 136 22.42 -3.59 14.97
CA ASN B 136 23.17 -2.72 14.05
C ASN B 136 23.98 -3.58 13.08
N SER B 137 23.26 -4.25 12.19
CA SER B 137 23.85 -5.12 11.18
C SER B 137 22.92 -5.21 9.99
N TYR B 138 23.40 -4.80 8.83
CA TYR B 138 22.53 -4.87 7.66
C TYR B 138 22.34 -6.32 7.24
N LEU B 139 23.40 -7.13 7.28
CA LEU B 139 23.29 -8.53 6.87
C LEU B 139 22.23 -9.26 7.68
N ILE B 140 22.29 -9.18 9.02
CA ILE B 140 21.38 -9.94 9.86
C ILE B 140 19.94 -9.44 9.68
N ASN B 141 19.75 -8.12 9.71
CA ASN B 141 18.40 -7.59 9.52
C ASN B 141 17.91 -7.86 8.11
N SER B 142 18.80 -7.88 7.13
CA SER B 142 18.41 -8.35 5.80
C SER B 142 17.98 -9.81 5.84
N ILE B 143 18.73 -10.65 6.56
CA ILE B 143 18.36 -12.06 6.67
C ILE B 143 16.99 -12.20 7.33
N LEU B 144 16.76 -11.50 8.44
CA LEU B 144 15.50 -11.66 9.15
C LEU B 144 14.32 -11.16 8.33
N ALA B 145 14.55 -10.10 7.54
CA ALA B 145 13.50 -9.60 6.65
C ALA B 145 12.97 -10.71 5.77
N ILE B 146 13.87 -11.53 5.23
CA ILE B 146 13.42 -12.64 4.41
C ILE B 146 12.73 -13.71 5.24
N LEU B 147 13.30 -14.05 6.40
CA LEU B 147 12.68 -15.08 7.25
C LEU B 147 11.27 -14.66 7.67
N ILE B 148 11.06 -13.36 7.93
CA ILE B 148 9.73 -12.90 8.30
C ILE B 148 8.82 -12.96 7.08
N GLY B 149 9.34 -12.57 5.92
CA GLY B 149 8.57 -12.67 4.70
C GLY B 149 8.10 -14.09 4.44
N LEU B 150 9.00 -15.05 4.62
CA LEU B 150 8.66 -16.46 4.40
C LEU B 150 7.62 -16.95 5.41
N LEU B 151 7.72 -16.51 6.66
CA LEU B 151 6.70 -16.87 7.65
C LEU B 151 5.34 -16.28 7.28
N ILE B 153 4.00 -15.78 4.46
CA ILE B 153 3.37 -16.50 3.37
C ILE B 153 3.32 -18.00 3.64
N SER B 154 3.65 -18.41 4.87
CA SER B 154 3.67 -19.79 5.33
C SER B 154 2.26 -20.37 5.43
N ASP B 155 2.22 -21.65 5.79
CA ASP B 155 1.01 -22.33 6.24
C ASP B 155 0.98 -22.44 7.76
N ILE B 156 1.94 -21.82 8.43
CA ILE B 156 2.04 -21.85 9.89
C ILE B 156 0.83 -21.13 10.47
N LYS B 157 0.02 -21.86 11.22
CA LYS B 157 -1.16 -21.28 11.84
C LYS B 157 -0.77 -20.34 12.98
N TYR B 158 -1.47 -19.21 13.07
CA TYR B 158 -1.32 -18.30 14.21
C TYR B 158 -2.68 -17.87 14.70
N PRO B 159 -2.95 -17.95 16.01
CA PRO B 159 -4.27 -17.53 16.52
C PRO B 159 -4.53 -16.04 16.28
N LYS B 160 -5.81 -15.72 16.07
CA LYS B 160 -6.22 -14.36 15.70
C LYS B 160 -6.35 -13.44 16.89
N TYR B 161 -6.85 -13.94 18.02
CA TYR B 161 -7.16 -13.09 19.16
C TYR B 161 -6.37 -13.49 20.40
N PRO B 162 -5.38 -12.69 20.83
CA PRO B 162 -4.70 -12.95 22.10
C PRO B 162 -5.68 -12.89 23.27
N ASN B 163 -5.24 -13.47 24.39
CA ASN B 163 -6.02 -13.43 25.61
C ASN B 163 -5.97 -12.03 26.24
N LYS B 164 -6.85 -11.82 27.21
CA LYS B 164 -6.94 -10.51 27.86
C LYS B 164 -5.60 -10.10 28.45
N ILE B 165 -4.95 -11.03 29.15
CA ILE B 165 -3.65 -10.77 29.74
C ILE B 165 -2.66 -10.33 28.66
N PHE B 166 -2.56 -11.11 27.58
CA PHE B 166 -1.56 -10.85 26.56
C PHE B 166 -1.82 -9.54 25.84
N ILE B 167 -3.08 -9.26 25.45
CA ILE B 167 -3.43 -7.95 24.91
C ILE B 167 -2.95 -6.85 25.85
N TYR B 168 -3.15 -7.05 27.17
CA TYR B 168 -2.90 -6.03 28.17
C TYR B 168 -1.43 -5.63 28.19
N ILE B 169 -0.54 -6.61 28.22
CA ILE B 169 0.90 -6.35 28.30
C ILE B 169 1.48 -6.06 26.92
N PHE B 170 0.86 -6.59 25.87
CA PHE B 170 1.28 -6.23 24.54
C PHE B 170 0.89 -4.79 24.24
N ALA B 171 -0.27 -4.36 24.74
CA ALA B 171 -0.69 -2.97 24.53
C ALA B 171 0.31 -2.02 25.17
N VAL B 172 0.65 -2.29 26.43
CA VAL B 172 1.64 -1.49 27.14
C VAL B 172 2.97 -1.47 26.38
N SER B 173 3.41 -2.65 25.90
CA SER B 173 4.74 -2.74 25.29
C SER B 173 4.81 -2.00 23.96
N LEU B 174 3.72 -1.96 23.20
CA LEU B 174 3.69 -1.17 21.97
C LEU B 174 3.83 0.33 22.26
N CYS B 175 3.18 0.81 23.33
CA CYS B 175 3.39 2.22 23.69
C CYS B 175 4.79 2.45 24.23
N LEU B 176 5.31 1.53 25.06
CA LEU B 176 6.72 1.61 25.42
C LEU B 176 7.62 1.57 24.18
N ALA B 177 7.23 0.79 23.17
CA ALA B 177 7.98 0.82 21.91
C ALA B 177 7.82 2.17 21.21
N ILE B 178 6.65 2.81 21.33
CA ILE B 178 6.45 4.11 20.70
C ILE B 178 7.43 5.15 21.26
N VAL B 179 7.85 5.01 22.51
CA VAL B 179 8.68 6.04 23.13
C VAL B 179 10.15 5.61 23.18
N GLY B 180 10.54 4.63 22.38
CA GLY B 180 11.94 4.31 22.21
C GLY B 180 12.36 2.99 22.79
N ILE B 181 11.46 2.28 23.47
CA ILE B 181 11.81 1.03 24.15
C ILE B 181 11.01 -0.13 23.55
N PRO B 182 11.49 -0.71 22.46
CA PRO B 182 10.73 -1.76 21.76
C PRO B 182 10.97 -3.18 22.26
N HIS B 183 11.82 -3.37 23.28
CA HIS B 183 12.28 -4.70 23.68
C HIS B 183 11.12 -5.60 24.07
N PHE B 184 10.18 -5.06 24.86
CA PHE B 184 9.08 -5.88 25.35
C PHE B 184 8.09 -6.22 24.23
N ALA B 185 7.85 -5.30 23.30
CA ALA B 185 7.01 -5.64 22.15
C ALA B 185 7.72 -6.63 21.24
N LEU B 186 8.99 -6.38 20.92
CA LEU B 186 9.76 -7.31 20.11
C LEU B 186 9.89 -8.68 20.79
N LEU B 188 7.74 -9.97 23.06
CA LEU B 188 6.42 -10.58 23.04
C LEU B 188 6.07 -11.09 21.65
N CYS B 189 6.50 -10.37 20.61
CA CYS B 189 6.21 -10.80 19.24
C CYS B 189 7.05 -12.01 18.83
N LEU B 190 8.27 -12.13 19.34
CA LEU B 190 9.08 -13.31 19.05
C LEU B 190 8.43 -14.56 19.60
N ILE B 191 8.01 -14.51 20.87
CA ILE B 191 7.41 -15.64 21.54
C ILE B 191 6.19 -16.13 20.77
N TYR B 192 5.35 -15.20 20.32
CA TYR B 192 4.22 -15.54 19.47
C TYR B 192 4.68 -16.22 18.18
N ALA B 193 5.65 -15.60 17.48
CA ALA B 193 6.08 -16.15 16.20
C ALA B 193 6.79 -17.50 16.38
N ILE B 194 7.68 -17.59 17.36
CA ILE B 194 8.44 -18.82 17.55
C ILE B 194 7.52 -19.96 18.01
N TYR B 195 6.59 -19.68 18.93
CA TYR B 195 5.61 -20.69 19.35
C TYR B 195 4.82 -21.24 18.18
N GLY B 196 4.45 -20.39 17.23
CA GLY B 196 3.76 -20.86 16.04
C GLY B 196 4.57 -21.88 15.27
N ILE B 197 5.85 -21.58 15.01
CA ILE B 197 6.72 -22.49 14.27
C ILE B 197 6.88 -23.81 15.00
N ILE B 198 7.13 -23.76 16.31
CA ILE B 198 7.31 -24.97 17.11
C ILE B 198 6.10 -25.88 16.99
N LYS B 199 4.89 -25.30 17.05
CA LYS B 199 3.69 -26.12 16.92
C LYS B 199 3.61 -26.76 15.54
N TYR B 200 3.94 -26.00 14.49
CA TYR B 200 3.92 -26.56 13.14
CA TYR B 200 3.92 -26.56 13.14
C TYR B 200 4.90 -27.72 13.01
N ILE B 201 6.16 -27.50 13.41
CA ILE B 201 7.16 -28.57 13.33
C ILE B 201 6.76 -29.76 14.20
N ARG B 202 6.28 -29.49 15.42
CA ARG B 202 5.86 -30.58 16.29
C ARG B 202 4.60 -31.27 15.78
N GLY B 203 3.93 -30.70 14.79
CA GLY B 203 2.73 -31.31 14.26
C GLY B 203 1.49 -31.18 15.13
N ASP B 204 1.60 -30.55 16.28
CA ASP B 204 0.45 -30.40 17.16
C ASP B 204 -0.45 -29.27 16.67
#